data_7FNX
#
_entry.id   7FNX
#
_cell.length_a   89.517
_cell.length_b   81.456
_cell.length_c   93.356
_cell.angle_alpha   90
_cell.angle_beta   108.59
_cell.angle_gamma   90
#
_symmetry.space_group_name_H-M   'C 1 2 1'
#
loop_
_entity.id
_entity.type
_entity.pdbx_description
1 polymer 'Pre-mRNA-splicing factor 8'
2 polymer 'A1 cistron-splicing factor AAR2'
3 non-polymer 4-methoxy-N-methylbenzamide
4 water water
#
loop_
_entity_poly.entity_id
_entity_poly.type
_entity_poly.pdbx_seq_one_letter_code
_entity_poly.pdbx_strand_id
1 'polypeptide(L)'
;GAMNSSNYAELFNNDIKLFVDDTNVYRVTVHKTFEGNVATKAINGCIFTLNPKTGHLFLKIIHTSVWAGQKRLSQLAKWK
TAEEVSALVRSLPKEEQPKQIIVTRKAMLDPLEVHMLDFPNIAIRPTELRLPFSAAMSIDKLSDVVMKATEPQMVLFNIY
DDWLDRISSYTAFSRLTLLLRALKTNEESAKMILLSDPTITIKSYHLWPSFTDEQWITIESQMRDLILTEYGRKYNVNIS
ALTQTEIKDIILGQNIKA
;
A
2 'polypeptide(L)'
;GAMAMNTVPFTSAPIEVTIGIDQYSFNVKENQPFHGIKDIPIGHVHVIHFQHADNSSMRYGYWFDCRMGNFYIQYDPKDG
LYKMMEERDGAKFENIVHNFKERQMMVSYPKIDEDDTWYNLTEFVQMDKIRKIVRKDENQFSYVDSSMTTVQENELSSSS
SDPAHSLNYTVINFKSREAIRPGHEMEDFLDKSYYLNTVMLQGIFKNSSNYFGELQFAFLNAMFFGNYGSSLQWHAMIEL
ICSSATVPKHMLDKLDEILYYQIKTLPEQYSDILLNERVWNICLYSSFQKNSLHNTEKIMENKYPELL
;
B
#
loop_
_chem_comp.id
_chem_comp.type
_chem_comp.name
_chem_comp.formula
VZH non-polymer 4-methoxy-N-methylbenzamide 'C9 H11 N O2'
#
# COMPACT_ATOMS: atom_id res chain seq x y z
N GLY A 1 11.29 0.12 -12.25
CA GLY A 1 11.54 -0.22 -10.86
C GLY A 1 12.73 0.49 -10.24
N ALA A 2 13.70 -0.27 -9.73
CA ALA A 2 14.85 0.30 -9.05
C ALA A 2 16.01 0.43 -10.02
N MET A 3 16.88 1.38 -9.70
CA MET A 3 18.02 1.76 -10.51
C MET A 3 19.28 1.12 -9.91
N ASN A 4 20.10 0.49 -10.76
CA ASN A 4 21.26 -0.25 -10.26
C ASN A 4 22.32 -0.33 -11.36
N SER A 5 23.32 -1.21 -11.14
CA SER A 5 24.47 -1.34 -12.03
C SER A 5 24.09 -1.85 -13.41
N SER A 6 22.92 -2.46 -13.56
CA SER A 6 22.54 -3.06 -14.83
C SER A 6 21.91 -2.05 -15.76
N ASN A 7 21.19 -1.06 -15.20
CA ASN A 7 20.52 -0.09 -16.06
C ASN A 7 21.10 1.28 -15.77
N TYR A 8 22.42 1.38 -15.75
CA TYR A 8 23.09 2.60 -15.30
C TYR A 8 23.06 3.71 -16.34
N ALA A 9 23.17 3.33 -17.62
CA ALA A 9 23.22 4.28 -18.71
C ALA A 9 21.88 4.96 -18.98
N GLU A 10 20.77 4.47 -18.42
CA GLU A 10 19.49 5.16 -18.61
C GLU A 10 19.54 6.58 -18.09
N LEU A 11 20.44 6.85 -17.14
CA LEU A 11 20.58 8.20 -16.58
C LEU A 11 20.95 9.22 -17.64
N PHE A 12 21.59 8.82 -18.71
CA PHE A 12 22.16 9.76 -19.65
C PHE A 12 21.46 9.74 -21.00
N ASN A 13 20.29 9.11 -21.08
CA ASN A 13 19.47 9.17 -22.27
C ASN A 13 18.66 10.46 -22.24
N ASN A 14 17.74 10.62 -23.19
CA ASN A 14 17.09 11.91 -23.38
C ASN A 14 15.70 11.99 -22.74
N ASP A 15 15.36 11.07 -21.83
CA ASP A 15 14.17 11.21 -21.01
C ASP A 15 14.55 12.04 -19.77
N ILE A 16 13.90 13.18 -19.57
CA ILE A 16 14.24 14.02 -18.43
C ILE A 16 14.03 13.22 -17.14
N LYS A 17 15.03 13.24 -16.27
CA LYS A 17 14.94 12.64 -14.95
C LYS A 17 15.68 13.48 -13.93
N LEU A 18 15.25 13.35 -12.68
CA LEU A 18 15.92 14.00 -11.57
C LEU A 18 16.21 13.00 -10.48
N PHE A 19 17.40 13.09 -9.91
CA PHE A 19 17.69 12.47 -8.64
C PHE A 19 17.22 13.41 -7.54
N VAL A 20 16.66 12.85 -6.46
CA VAL A 20 16.37 13.63 -5.27
C VAL A 20 17.07 12.98 -4.08
N ASP A 21 17.89 13.76 -3.38
CA ASP A 21 18.52 13.33 -2.14
C ASP A 21 18.06 14.21 -1.01
N ASP A 22 17.60 13.59 0.07
CA ASP A 22 17.07 14.28 1.23
C ASP A 22 17.97 14.24 2.44
N THR A 23 19.20 13.73 2.31
N THR A 23 19.24 13.78 2.29
CA THR A 23 20.01 13.52 3.50
CA THR A 23 20.05 13.50 3.48
C THR A 23 20.19 14.84 4.27
C THR A 23 20.57 14.76 4.17
N ASN A 24 20.43 15.93 3.56
CA ASN A 24 20.82 17.19 4.18
C ASN A 24 19.64 18.13 4.40
N VAL A 25 18.42 17.61 4.35
CA VAL A 25 17.24 18.43 4.59
C VAL A 25 17.15 18.82 6.06
N TYR A 26 17.16 17.82 6.96
CA TYR A 26 17.07 18.09 8.40
C TYR A 26 18.44 17.86 9.00
N ARG A 27 19.06 18.93 9.50
CA ARG A 27 20.40 18.86 10.05
C ARG A 27 20.40 19.47 11.43
N VAL A 28 21.10 18.83 12.35
CA VAL A 28 21.15 19.28 13.74
C VAL A 28 22.57 19.16 14.28
N THR A 29 22.83 19.95 15.31
CA THR A 29 23.97 19.79 16.19
C THR A 29 23.46 19.37 17.56
N VAL A 30 24.01 18.30 18.09
CA VAL A 30 23.59 17.77 19.38
C VAL A 30 24.51 18.37 20.45
N HIS A 31 23.91 18.89 21.51
CA HIS A 31 24.67 19.55 22.56
C HIS A 31 24.03 19.26 23.91
N LYS A 32 24.79 19.52 24.97
CA LYS A 32 24.32 19.35 26.35
C LYS A 32 23.58 20.58 26.83
N THR A 33 22.54 20.35 27.64
CA THR A 33 21.84 21.46 28.27
C THR A 33 22.43 21.73 29.65
N PHE A 34 22.14 22.92 30.18
CA PHE A 34 22.70 23.29 31.47
C PHE A 34 22.39 22.23 32.51
N GLU A 35 21.18 21.65 32.46
CA GLU A 35 20.79 20.62 33.38
C GLU A 35 21.48 19.30 33.09
N GLY A 36 22.40 19.30 32.13
CA GLY A 36 23.08 18.09 31.74
C GLY A 36 22.23 17.11 30.92
N ASN A 37 21.19 17.59 30.27
CA ASN A 37 20.45 16.78 29.32
C ASN A 37 21.03 17.02 27.93
N VAL A 38 20.43 16.42 26.91
CA VAL A 38 20.87 16.60 25.54
C VAL A 38 19.70 17.20 24.80
N ALA A 39 20.01 18.11 23.89
CA ALA A 39 19.02 18.78 23.07
C ALA A 39 19.67 18.96 21.71
N THR A 40 18.85 19.19 20.70
CA THR A 40 19.35 19.46 19.36
C THR A 40 19.13 20.92 19.04
N LYS A 41 19.99 21.47 18.20
CA LYS A 41 19.78 22.76 17.56
C LYS A 41 19.85 22.50 16.06
N ALA A 42 18.76 22.81 15.36
CA ALA A 42 18.72 22.62 13.91
C ALA A 42 19.54 23.70 13.23
N ILE A 43 20.08 23.37 12.06
CA ILE A 43 20.73 24.36 11.21
C ILE A 43 20.15 24.20 9.82
N ASN A 44 20.46 25.15 8.95
CA ASN A 44 19.85 25.20 7.64
C ASN A 44 20.20 23.94 6.88
N GLY A 45 19.28 23.50 6.05
CA GLY A 45 19.50 22.31 5.24
C GLY A 45 19.24 22.59 3.77
N CYS A 46 19.26 21.55 2.93
CA CYS A 46 18.95 21.69 1.52
C CYS A 46 18.45 20.35 0.97
N ILE A 47 17.53 20.47 0.00
CA ILE A 47 17.18 19.38 -0.89
C ILE A 47 18.13 19.40 -2.07
N PHE A 48 18.66 18.24 -2.43
CA PHE A 48 19.58 18.12 -3.56
C PHE A 48 18.85 17.40 -4.67
N THR A 49 18.43 18.18 -5.67
CA THR A 49 17.68 17.69 -6.82
C THR A 49 18.49 17.94 -8.08
N LEU A 50 18.91 16.86 -8.73
CA LEU A 50 19.92 16.94 -9.76
C LEU A 50 19.45 16.27 -11.03
N ASN A 51 19.62 16.96 -12.18
CA ASN A 51 19.41 16.34 -13.48
C ASN A 51 20.77 15.77 -13.88
N PRO A 52 20.96 14.46 -13.96
CA PRO A 52 22.31 13.90 -14.17
C PRO A 52 22.80 14.07 -15.58
N LYS A 53 21.90 14.37 -16.50
CA LYS A 53 22.28 14.52 -17.89
C LYS A 53 22.83 15.93 -18.14
N THR A 54 22.20 16.93 -17.56
CA THR A 54 22.55 18.31 -17.83
C THR A 54 23.40 18.93 -16.76
N GLY A 55 23.41 18.34 -15.57
CA GLY A 55 24.12 18.92 -14.46
C GLY A 55 23.33 19.95 -13.70
N HIS A 56 22.11 20.27 -14.13
CA HIS A 56 21.32 21.29 -13.46
C HIS A 56 20.94 20.79 -12.08
N LEU A 57 21.23 21.63 -11.11
CA LEU A 57 21.06 21.32 -9.70
C LEU A 57 20.07 22.32 -9.16
N PHE A 58 18.93 21.84 -8.70
CA PHE A 58 17.92 22.67 -8.06
C PHE A 58 18.14 22.56 -6.56
N LEU A 59 18.82 23.53 -6.00
CA LEU A 59 19.15 23.46 -4.58
C LEU A 59 18.12 24.23 -3.78
N LYS A 60 17.19 23.51 -3.18
CA LYS A 60 16.19 24.14 -2.34
C LYS A 60 16.70 24.21 -0.91
N ILE A 61 16.88 25.46 -0.44
CA ILE A 61 17.41 25.68 0.89
C ILE A 61 16.28 25.58 1.91
N ILE A 62 16.51 24.76 2.94
CA ILE A 62 15.55 24.51 3.99
C ILE A 62 16.03 25.33 5.20
N HIS A 63 15.34 26.41 5.42
CA HIS A 63 15.67 27.30 6.52
C HIS A 63 15.11 26.75 7.83
N THR A 64 15.86 26.90 8.92
CA THR A 64 15.45 26.24 10.17
C THR A 64 14.06 26.65 10.63
N SER A 65 13.51 27.78 10.14
CA SER A 65 12.20 28.22 10.57
C SER A 65 11.10 27.23 10.16
N VAL A 66 11.31 26.41 9.15
N VAL A 66 11.34 26.42 9.14
CA VAL A 66 10.29 25.44 8.76
CA VAL A 66 10.39 25.39 8.74
C VAL A 66 10.08 24.35 9.83
C VAL A 66 10.04 24.49 9.91
N TRP A 67 11.02 24.15 10.73
CA TRP A 67 10.83 23.16 11.79
C TRP A 67 10.15 23.72 13.02
N ALA A 68 9.90 25.04 13.09
CA ALA A 68 9.53 25.64 14.36
C ALA A 68 8.17 25.11 14.80
N GLY A 69 8.10 24.61 16.03
CA GLY A 69 6.86 24.09 16.57
C GLY A 69 6.35 22.81 15.94
N GLN A 70 7.18 22.15 15.16
CA GLN A 70 6.81 20.88 14.56
C GLN A 70 7.36 19.72 15.39
N LYS A 71 6.66 18.58 15.33
CA LYS A 71 7.07 17.35 15.98
C LYS A 71 7.53 16.36 14.93
N ARG A 72 8.28 15.35 15.40
CA ARG A 72 8.74 14.22 14.58
C ARG A 72 9.47 14.69 13.32
N LEU A 73 10.53 15.47 13.53
CA LEU A 73 11.10 16.23 12.42
C LEU A 73 11.76 15.33 11.37
N SER A 74 12.40 14.22 11.75
CA SER A 74 12.96 13.36 10.71
C SER A 74 11.87 12.86 9.77
N GLN A 75 10.64 12.64 10.27
CA GLN A 75 9.56 12.19 9.40
C GLN A 75 8.97 13.34 8.61
N LEU A 76 8.81 14.49 9.25
CA LEU A 76 8.35 15.67 8.52
C LEU A 76 9.30 16.01 7.39
N ALA A 77 10.60 15.85 7.62
CA ALA A 77 11.60 16.21 6.64
C ALA A 77 11.40 15.51 5.31
N LYS A 78 11.03 14.22 5.35
CA LYS A 78 10.72 13.49 4.12
C LYS A 78 9.53 14.09 3.39
N TRP A 79 8.46 14.43 4.12
CA TRP A 79 7.27 15.03 3.49
C TRP A 79 7.51 16.46 3.02
N LYS A 80 8.28 17.26 3.78
CA LYS A 80 8.67 18.58 3.29
C LYS A 80 9.50 18.48 2.00
N THR A 81 10.44 17.52 1.94
CA THR A 81 11.17 17.27 0.69
C THR A 81 10.21 16.98 -0.46
N ALA A 82 9.33 16.01 -0.24
CA ALA A 82 8.36 15.65 -1.26
C ALA A 82 7.49 16.85 -1.65
N GLU A 83 7.07 17.68 -0.68
CA GLU A 83 6.30 18.88 -0.99
C GLU A 83 7.07 19.83 -1.91
N GLU A 84 8.36 20.08 -1.60
CA GLU A 84 9.14 21.00 -2.41
C GLU A 84 9.46 20.42 -3.80
N VAL A 85 9.70 19.12 -3.91
CA VAL A 85 9.95 18.53 -5.23
C VAL A 85 8.70 18.66 -6.09
N SER A 86 7.54 18.37 -5.51
N SER A 86 7.55 18.37 -5.50
CA SER A 86 6.31 18.49 -6.29
CA SER A 86 6.29 18.49 -6.21
C SER A 86 6.06 19.94 -6.68
C SER A 86 6.05 19.92 -6.65
N ALA A 87 6.32 20.88 -5.75
CA ALA A 87 6.17 22.29 -6.11
C ALA A 87 7.11 22.66 -7.26
N LEU A 88 8.33 22.14 -7.26
CA LEU A 88 9.26 22.41 -8.36
C LEU A 88 8.75 21.86 -9.68
N VAL A 89 8.31 20.60 -9.68
CA VAL A 89 7.76 20.04 -10.92
C VAL A 89 6.62 20.92 -11.42
N ARG A 90 5.69 21.27 -10.54
CA ARG A 90 4.55 22.07 -10.98
C ARG A 90 5.00 23.40 -11.53
N SER A 91 6.12 23.93 -11.04
CA SER A 91 6.60 25.22 -11.50
C SER A 91 7.27 25.14 -12.87
N LEU A 92 7.57 23.95 -13.37
CA LEU A 92 8.30 23.81 -14.62
C LEU A 92 7.31 23.66 -15.77
N PRO A 93 7.61 24.21 -16.92
CA PRO A 93 6.77 23.94 -18.10
C PRO A 93 6.70 22.46 -18.33
N LYS A 94 5.58 22.05 -18.91
CA LYS A 94 5.31 20.64 -19.11
C LYS A 94 6.47 19.95 -19.81
N GLU A 95 7.00 20.58 -20.85
CA GLU A 95 8.08 19.91 -21.55
C GLU A 95 9.40 19.89 -20.77
N GLU A 96 9.49 20.55 -19.61
CA GLU A 96 10.67 20.41 -18.76
C GLU A 96 10.43 19.49 -17.58
N GLN A 97 9.19 19.08 -17.33
CA GLN A 97 8.96 18.21 -16.19
C GLN A 97 9.64 16.86 -16.39
N PRO A 98 10.11 16.25 -15.31
CA PRO A 98 10.80 14.96 -15.43
C PRO A 98 9.81 13.88 -15.75
N LYS A 99 10.31 12.85 -16.44
N LYS A 99 10.32 12.85 -16.45
CA LYS A 99 9.53 11.63 -16.64
CA LYS A 99 9.56 11.63 -16.68
C LYS A 99 9.74 10.61 -15.54
C LYS A 99 9.73 10.65 -15.52
N GLN A 100 10.87 10.71 -14.83
CA GLN A 100 11.20 9.86 -13.70
C GLN A 100 11.86 10.73 -12.64
N ILE A 101 11.59 10.39 -11.39
CA ILE A 101 12.32 10.96 -10.26
C ILE A 101 12.87 9.80 -9.50
N ILE A 102 14.18 9.79 -9.32
CA ILE A 102 14.85 8.71 -8.57
C ILE A 102 15.27 9.22 -7.19
N VAL A 103 14.78 8.57 -6.11
CA VAL A 103 15.08 9.00 -4.75
C VAL A 103 16.27 8.18 -4.26
N THR A 104 17.16 8.84 -3.54
CA THR A 104 18.33 8.07 -3.15
C THR A 104 18.13 7.20 -1.93
N ARG A 105 17.06 7.45 -1.16
CA ARG A 105 16.68 6.66 0.01
C ARG A 105 15.25 6.21 -0.11
N LYS A 106 14.97 4.95 0.22
CA LYS A 106 13.66 4.37 -0.06
C LYS A 106 12.55 4.97 0.80
N ALA A 107 12.91 5.55 1.94
CA ALA A 107 11.90 6.22 2.76
C ALA A 107 11.25 7.39 2.06
N MET A 108 11.84 7.94 0.98
CA MET A 108 11.19 9.00 0.24
C MET A 108 10.13 8.52 -0.74
N LEU A 109 10.03 7.21 -1.00
CA LEU A 109 9.14 6.77 -2.06
C LEU A 109 7.69 7.15 -1.76
N ASP A 110 7.21 6.79 -0.58
CA ASP A 110 5.77 7.00 -0.34
C ASP A 110 5.46 8.49 -0.23
N PRO A 111 6.28 9.28 0.47
CA PRO A 111 5.98 10.71 0.53
C PRO A 111 5.92 11.35 -0.85
N LEU A 112 6.91 11.05 -1.69
CA LEU A 112 6.91 11.65 -3.02
C LEU A 112 5.76 11.12 -3.87
N GLU A 113 5.50 9.81 -3.80
CA GLU A 113 4.40 9.27 -4.58
C GLU A 113 3.09 9.99 -4.23
N VAL A 114 2.86 10.21 -2.92
CA VAL A 114 1.61 10.84 -2.48
C VAL A 114 1.54 12.28 -2.96
N HIS A 115 2.64 13.04 -2.85
CA HIS A 115 2.65 14.42 -3.30
C HIS A 115 2.56 14.56 -4.82
N MET A 116 2.82 13.48 -5.55
CA MET A 116 2.82 13.53 -7.02
C MET A 116 1.63 12.79 -7.61
N LEU A 117 0.57 12.56 -6.83
CA LEU A 117 -0.59 11.85 -7.37
C LEU A 117 -1.18 12.56 -8.58
N ASP A 118 -0.99 13.87 -8.65
CA ASP A 118 -1.49 14.65 -9.78
C ASP A 118 -0.70 14.38 -11.06
N PHE A 119 0.48 13.79 -10.96
CA PHE A 119 1.30 13.41 -12.10
C PHE A 119 1.46 11.91 -12.20
N PRO A 120 0.37 11.18 -12.51
CA PRO A 120 0.46 9.71 -12.55
C PRO A 120 1.48 9.18 -13.53
N ASN A 121 1.84 9.97 -14.53
CA ASN A 121 2.78 9.57 -15.56
C ASN A 121 4.25 9.82 -15.20
N ILE A 122 4.55 10.37 -14.04
CA ILE A 122 5.94 10.50 -13.60
C ILE A 122 6.29 9.31 -12.71
N ALA A 123 7.30 8.56 -13.12
CA ALA A 123 7.67 7.35 -12.39
C ALA A 123 8.55 7.74 -11.21
N ILE A 124 8.19 7.29 -10.00
CA ILE A 124 8.99 7.53 -8.82
C ILE A 124 9.74 6.25 -8.51
N ARG A 125 11.08 6.31 -8.49
CA ARG A 125 11.89 5.11 -8.46
C ARG A 125 12.94 5.14 -7.36
N PRO A 126 13.23 3.98 -6.72
CA PRO A 126 14.40 3.87 -5.85
C PRO A 126 15.64 3.52 -6.64
N THR A 127 16.79 3.50 -5.98
CA THR A 127 18.00 2.98 -6.58
C THR A 127 18.77 2.12 -5.60
N GLU A 128 19.46 1.11 -6.12
N GLU A 128 19.46 1.10 -6.11
CA GLU A 128 20.40 0.29 -5.36
CA GLU A 128 20.38 0.32 -5.28
C GLU A 128 21.80 0.88 -5.32
C GLU A 128 21.80 0.91 -5.27
N LEU A 129 22.04 1.97 -6.03
CA LEU A 129 23.34 2.64 -5.99
C LEU A 129 23.50 3.41 -4.68
N ARG A 130 24.70 3.36 -4.12
CA ARG A 130 25.05 4.10 -2.91
C ARG A 130 25.72 5.40 -3.37
N LEU A 131 24.89 6.37 -3.71
CA LEU A 131 25.45 7.58 -4.29
C LEU A 131 25.90 8.56 -3.20
N PRO A 132 26.99 9.28 -3.40
CA PRO A 132 27.56 10.10 -2.33
C PRO A 132 27.00 11.51 -2.23
N PHE A 133 25.73 11.71 -2.56
CA PHE A 133 25.18 13.06 -2.63
C PHE A 133 25.14 13.75 -1.26
N SER A 134 25.17 13.00 -0.15
CA SER A 134 25.25 13.63 1.16
C SER A 134 26.44 14.59 1.27
N ALA A 135 27.51 14.33 0.54
CA ALA A 135 28.69 15.21 0.60
C ALA A 135 28.52 16.52 -0.16
N ALA A 136 27.33 16.80 -0.69
CA ALA A 136 27.16 18.05 -1.41
C ALA A 136 27.46 19.24 -0.54
N MET A 137 27.29 19.09 0.79
CA MET A 137 27.58 20.12 1.76
C MET A 137 29.07 20.33 1.93
N SER A 138 29.90 19.46 1.37
CA SER A 138 31.33 19.69 1.37
C SER A 138 31.80 20.56 0.20
N ILE A 139 30.93 20.90 -0.73
CA ILE A 139 31.24 21.88 -1.78
C ILE A 139 31.04 23.26 -1.16
N ASP A 140 32.14 24.00 -0.98
CA ASP A 140 32.11 25.24 -0.22
C ASP A 140 31.02 26.20 -0.66
N LYS A 141 30.90 26.44 -1.97
CA LYS A 141 29.92 27.42 -2.43
C LYS A 141 28.50 26.99 -2.12
N LEU A 142 28.23 25.68 -2.10
CA LEU A 142 26.89 25.23 -1.77
C LEU A 142 26.64 25.34 -0.27
N SER A 143 27.61 24.90 0.53
CA SER A 143 27.51 25.06 1.98
C SER A 143 27.33 26.52 2.35
N ASP A 144 28.05 27.42 1.66
CA ASP A 144 27.95 28.85 1.99
C ASP A 144 26.55 29.39 1.75
N VAL A 145 25.93 29.03 0.63
CA VAL A 145 24.66 29.66 0.35
C VAL A 145 23.60 29.11 1.30
N VAL A 146 23.73 27.84 1.70
CA VAL A 146 22.77 27.25 2.65
C VAL A 146 22.91 27.93 4.02
N MET A 147 24.13 28.06 4.50
N MET A 147 24.14 28.07 4.51
N MET A 147 24.13 28.07 4.52
CA MET A 147 24.41 28.58 5.84
CA MET A 147 24.35 28.59 5.86
CA MET A 147 24.33 28.60 5.87
C MET A 147 24.06 30.06 5.95
C MET A 147 23.99 30.07 5.95
C MET A 147 24.00 30.09 5.96
N LYS A 148 24.16 30.83 4.86
CA LYS A 148 23.82 32.25 4.89
C LYS A 148 22.33 32.50 4.68
N ALA A 149 21.55 31.52 4.26
CA ALA A 149 20.14 31.80 3.98
C ALA A 149 19.42 32.24 5.24
N THR A 150 18.66 33.30 5.12
CA THR A 150 17.79 33.78 6.19
C THR A 150 16.33 33.46 5.93
N GLU A 151 16.02 32.86 4.79
CA GLU A 151 14.65 32.52 4.43
C GLU A 151 14.69 31.35 3.47
N PRO A 152 13.58 30.65 3.28
CA PRO A 152 13.53 29.64 2.21
C PRO A 152 13.89 30.26 0.88
N GLN A 153 14.61 29.50 0.07
CA GLN A 153 15.22 30.03 -1.13
C GLN A 153 15.59 28.84 -2.00
N MET A 154 15.37 28.97 -3.30
CA MET A 154 15.84 28.00 -4.30
C MET A 154 17.01 28.65 -5.05
N VAL A 155 18.12 27.95 -5.17
CA VAL A 155 19.29 28.42 -5.93
C VAL A 155 19.64 27.41 -7.01
N LEU A 156 19.88 27.90 -8.23
CA LEU A 156 20.18 27.01 -9.35
C LEU A 156 21.68 26.96 -9.60
N PHE A 157 22.22 25.75 -9.75
CA PHE A 157 23.62 25.60 -10.09
C PHE A 157 23.71 24.61 -11.25
N ASN A 158 24.84 24.61 -11.93
CA ASN A 158 25.25 23.45 -12.75
C ASN A 158 26.42 22.79 -12.03
N ILE A 159 26.17 21.58 -11.50
CA ILE A 159 27.21 20.92 -10.71
C ILE A 159 28.38 20.41 -11.52
N TYR A 160 28.31 20.44 -12.85
CA TYR A 160 29.40 20.01 -13.74
C TYR A 160 30.21 21.21 -14.27
N ASP A 161 29.97 22.39 -13.75
CA ASP A 161 30.58 23.62 -14.30
C ASP A 161 30.48 23.58 -15.83
N ASP A 162 31.61 23.66 -16.54
CA ASP A 162 31.59 23.66 -17.99
C ASP A 162 32.04 22.34 -18.58
N TRP A 163 32.06 21.27 -17.76
CA TRP A 163 32.65 20.03 -18.21
C TRP A 163 32.00 19.49 -19.47
N LEU A 164 30.68 19.67 -19.61
CA LEU A 164 30.02 19.01 -20.74
C LEU A 164 30.45 19.55 -22.10
N ASP A 165 31.09 20.71 -22.13
CA ASP A 165 31.71 21.20 -23.36
C ASP A 165 32.82 20.29 -23.86
N ARG A 166 33.42 19.50 -22.96
CA ARG A 166 34.56 18.65 -23.27
C ARG A 166 34.31 17.16 -23.08
N ILE A 167 33.40 16.76 -22.19
CA ILE A 167 33.18 15.35 -21.88
C ILE A 167 31.69 15.06 -21.93
N SER A 168 31.36 13.78 -21.91
CA SER A 168 29.96 13.37 -21.96
C SER A 168 29.37 13.39 -20.55
N SER A 169 28.03 13.40 -20.49
N SER A 169 28.03 13.36 -20.47
CA SER A 169 27.36 13.35 -19.19
CA SER A 169 27.40 13.39 -19.16
C SER A 169 27.80 12.13 -18.39
C SER A 169 27.70 12.11 -18.37
N TYR A 170 27.91 10.98 -19.05
CA TYR A 170 28.34 9.79 -18.34
C TYR A 170 29.65 10.04 -17.61
N THR A 171 30.64 10.58 -18.32
CA THR A 171 31.96 10.84 -17.73
C THR A 171 31.88 11.96 -16.70
N ALA A 172 30.99 12.93 -16.93
CA ALA A 172 30.83 14.03 -15.96
C ALA A 172 30.21 13.52 -14.68
N PHE A 173 29.17 12.69 -14.79
CA PHE A 173 28.61 12.09 -13.59
C PHE A 173 29.64 11.24 -12.88
N SER A 174 30.49 10.52 -13.63
CA SER A 174 31.48 9.67 -12.99
C SER A 174 32.49 10.49 -12.23
N ARG A 175 32.92 11.61 -12.81
CA ARG A 175 33.79 12.53 -12.09
C ARG A 175 33.11 13.07 -10.84
N LEU A 176 31.84 13.48 -10.96
CA LEU A 176 31.16 14.08 -9.82
C LEU A 176 31.05 13.10 -8.67
N THR A 177 30.64 11.87 -8.99
CA THR A 177 30.50 10.87 -7.93
C THR A 177 31.85 10.52 -7.33
N LEU A 178 32.93 10.54 -8.11
CA LEU A 178 34.22 10.25 -7.50
C LEU A 178 34.67 11.38 -6.58
N LEU A 179 34.47 12.61 -7.02
CA LEU A 179 34.76 13.75 -6.16
C LEU A 179 33.94 13.68 -4.86
N LEU A 180 32.63 13.46 -4.98
CA LEU A 180 31.81 13.46 -3.79
C LEU A 180 32.13 12.26 -2.89
N ARG A 181 32.37 11.09 -3.46
CA ARG A 181 32.80 9.95 -2.66
C ARG A 181 34.07 10.26 -1.88
N ALA A 182 35.03 10.95 -2.49
CA ALA A 182 36.25 11.31 -1.77
C ALA A 182 35.98 12.33 -0.67
N LEU A 183 35.15 13.33 -0.96
CA LEU A 183 34.85 14.32 0.05
C LEU A 183 34.10 13.69 1.22
N LYS A 184 33.29 12.65 0.95
CA LYS A 184 32.58 11.97 2.02
C LYS A 184 33.51 11.09 2.82
N THR A 185 34.55 10.55 2.19
N THR A 185 34.58 10.59 2.22
CA THR A 185 35.43 9.62 2.90
CA THR A 185 35.44 9.62 2.92
C THR A 185 36.47 10.36 3.75
C THR A 185 36.54 10.32 3.71
N ASN A 186 37.10 11.39 3.17
CA ASN A 186 38.08 12.19 3.91
C ASN A 186 38.01 13.61 3.34
N GLU A 187 37.13 14.41 3.95
CA GLU A 187 36.92 15.76 3.46
C GLU A 187 38.19 16.58 3.49
N GLU A 188 38.96 16.49 4.58
CA GLU A 188 40.16 17.32 4.65
C GLU A 188 41.08 17.03 3.48
N SER A 189 41.45 15.76 3.31
CA SER A 189 42.39 15.37 2.28
C SER A 189 41.84 15.64 0.89
N ALA A 190 40.56 15.35 0.68
CA ALA A 190 39.91 15.66 -0.59
C ALA A 190 40.03 17.14 -0.94
N LYS A 191 39.74 18.03 0.00
CA LYS A 191 39.82 19.45 -0.35
C LYS A 191 41.28 19.86 -0.55
N MET A 192 42.21 19.27 0.22
CA MET A 192 43.61 19.60 0.01
CA MET A 192 43.64 19.53 0.03
C MET A 192 44.06 19.25 -1.40
N ILE A 193 43.61 18.10 -1.94
CA ILE A 193 43.94 17.72 -3.31
C ILE A 193 43.40 18.76 -4.28
N LEU A 194 42.15 19.15 -4.10
CA LEU A 194 41.50 20.02 -5.06
C LEU A 194 42.11 21.41 -5.08
N LEU A 195 42.76 21.84 -4.00
CA LEU A 195 43.21 23.21 -3.89
C LEU A 195 44.71 23.35 -3.58
N SER A 196 45.47 22.26 -3.65
CA SER A 196 46.87 22.33 -3.28
C SER A 196 47.64 23.29 -4.18
N ASP A 197 47.16 23.53 -5.39
CA ASP A 197 47.90 24.27 -6.40
C ASP A 197 47.29 25.66 -6.55
N PRO A 198 47.82 26.69 -5.89
CA PRO A 198 47.14 28.00 -5.91
C PRO A 198 46.96 28.58 -7.30
N THR A 199 47.67 28.07 -8.31
CA THR A 199 47.55 28.63 -9.65
C THR A 199 46.26 28.21 -10.35
N ILE A 200 45.61 27.13 -9.90
CA ILE A 200 44.35 26.69 -10.48
C ILE A 200 43.25 27.25 -9.59
N THR A 201 42.34 28.00 -10.18
CA THR A 201 41.33 28.71 -9.42
C THR A 201 39.93 28.25 -9.81
N ILE A 202 38.98 28.64 -8.97
CA ILE A 202 37.57 28.38 -9.19
C ILE A 202 36.93 29.63 -9.73
N LYS A 203 36.39 29.55 -10.94
CA LYS A 203 35.78 30.71 -11.53
C LYS A 203 34.59 31.12 -10.67
N SER A 204 34.30 32.43 -10.65
CA SER A 204 33.21 32.93 -9.82
C SER A 204 31.91 32.22 -10.11
N TYR A 205 31.68 31.81 -11.37
CA TYR A 205 30.46 31.14 -11.77
C TYR A 205 30.57 29.61 -11.75
N HIS A 206 31.61 29.06 -11.11
CA HIS A 206 31.82 27.62 -11.00
C HIS A 206 31.90 27.18 -9.54
N LEU A 207 31.84 25.85 -9.40
CA LEU A 207 31.92 25.22 -8.09
C LEU A 207 33.26 24.55 -7.85
N TRP A 208 33.91 24.12 -8.93
CA TRP A 208 35.12 23.34 -8.87
C TRP A 208 36.20 24.09 -9.61
N PRO A 209 37.45 23.73 -9.42
CA PRO A 209 38.54 24.44 -10.11
C PRO A 209 38.59 24.19 -11.61
N SER A 210 39.28 25.10 -12.28
CA SER A 210 39.40 25.08 -13.74
C SER A 210 40.58 24.23 -14.18
N PHE A 211 40.44 22.92 -13.99
CA PHE A 211 41.49 21.97 -14.35
C PHE A 211 41.51 21.74 -15.85
N THR A 212 42.70 21.68 -16.43
CA THR A 212 42.80 21.16 -17.78
C THR A 212 42.43 19.67 -17.79
N ASP A 213 42.27 19.13 -19.01
CA ASP A 213 41.99 17.70 -19.17
C ASP A 213 43.05 16.87 -18.46
N GLU A 214 44.32 17.23 -18.66
CA GLU A 214 45.40 16.44 -18.09
C GLU A 214 45.41 16.57 -16.57
N GLN A 215 45.13 17.77 -16.07
CA GLN A 215 45.11 17.96 -14.64
C GLN A 215 43.93 17.24 -14.00
N TRP A 216 42.81 17.11 -14.73
CA TRP A 216 41.69 16.37 -14.18
C TRP A 216 42.06 14.90 -14.00
N ILE A 217 42.84 14.35 -14.94
CA ILE A 217 43.29 12.97 -14.82
C ILE A 217 44.16 12.81 -13.58
N THR A 218 45.10 13.75 -13.35
CA THR A 218 45.88 13.71 -12.11
C THR A 218 44.97 13.77 -10.88
N ILE A 219 44.01 14.72 -10.88
CA ILE A 219 43.12 14.85 -9.73
C ILE A 219 42.33 13.57 -9.53
N GLU A 220 41.68 13.08 -10.58
CA GLU A 220 40.88 11.87 -10.47
C GLU A 220 41.70 10.70 -9.92
N SER A 221 42.96 10.59 -10.36
N SER A 221 42.96 10.56 -10.36
CA SER A 221 43.85 9.56 -9.80
CA SER A 221 43.81 9.53 -9.78
C SER A 221 44.07 9.79 -8.31
C SER A 221 44.03 9.78 -8.29
N GLN A 222 44.39 11.02 -7.91
CA GLN A 222 44.60 11.31 -6.51
C GLN A 222 43.37 11.03 -5.68
N MET A 223 42.18 11.27 -6.22
CA MET A 223 40.97 10.98 -5.47
C MET A 223 40.77 9.47 -5.27
N ARG A 224 41.04 8.69 -6.31
N ARG A 224 41.08 8.68 -6.29
CA ARG A 224 40.97 7.23 -6.17
CA ARG A 224 40.96 7.23 -6.16
C ARG A 224 41.93 6.75 -5.09
C ARG A 224 41.96 6.68 -5.15
N ASP A 225 43.21 7.16 -5.17
CA ASP A 225 44.16 6.78 -4.14
CA ASP A 225 44.16 6.78 -4.14
C ASP A 225 43.62 7.10 -2.75
N LEU A 226 43.02 8.27 -2.58
CA LEU A 226 42.48 8.67 -1.27
C LEU A 226 41.41 7.70 -0.83
N ILE A 227 40.52 7.32 -1.74
CA ILE A 227 39.43 6.41 -1.38
C ILE A 227 39.97 5.04 -1.05
N LEU A 228 40.92 4.55 -1.85
CA LEU A 228 41.60 3.31 -1.50
C LEU A 228 42.36 3.43 -0.17
N THR A 229 43.13 4.51 -0.01
CA THR A 229 43.79 4.81 1.25
C THR A 229 42.86 4.71 2.46
N GLU A 230 41.84 5.57 2.54
CA GLU A 230 40.93 5.54 3.67
C GLU A 230 40.32 4.16 3.85
N TYR A 231 40.15 3.44 2.75
CA TYR A 231 39.64 2.08 2.85
C TYR A 231 40.64 1.20 3.59
N GLY A 232 41.94 1.44 3.42
CA GLY A 232 42.94 0.70 4.17
C GLY A 232 43.02 1.13 5.63
N ARG A 233 43.06 2.44 5.87
CA ARG A 233 43.06 2.95 7.24
C ARG A 233 41.84 2.45 8.00
N LYS A 234 40.69 2.40 7.32
CA LYS A 234 39.46 1.97 7.97
C LYS A 234 39.53 0.50 8.35
N TYR A 235 39.91 -0.35 7.39
CA TYR A 235 39.84 -1.81 7.56
C TYR A 235 41.19 -2.43 7.92
N ASN A 236 42.26 -1.64 8.01
CA ASN A 236 43.62 -2.13 8.24
C ASN A 236 44.02 -3.19 7.20
N VAL A 237 44.18 -2.72 5.95
CA VAL A 237 44.54 -3.62 4.84
C VAL A 237 45.91 -3.28 4.25
N MET B 5 -39.04 -21.48 10.01
CA MET B 5 -37.86 -22.10 9.30
C MET B 5 -38.15 -22.36 7.81
N ASN B 6 -37.12 -22.35 6.97
CA ASN B 6 -37.31 -22.48 5.52
C ASN B 6 -36.47 -23.62 4.96
N THR B 7 -36.71 -23.91 3.67
CA THR B 7 -36.19 -25.13 3.05
C THR B 7 -35.64 -24.79 1.66
N VAL B 8 -34.48 -25.36 1.35
CA VAL B 8 -33.94 -25.29 -0.01
C VAL B 8 -33.87 -26.71 -0.55
N PRO B 9 -34.88 -27.14 -1.27
CA PRO B 9 -34.88 -28.49 -1.81
C PRO B 9 -33.95 -28.64 -3.00
N PHE B 10 -33.49 -29.88 -3.20
CA PHE B 10 -32.65 -30.25 -4.33
C PHE B 10 -33.41 -31.22 -5.22
N THR B 11 -33.41 -30.98 -6.52
CA THR B 11 -33.98 -31.96 -7.45
C THR B 11 -33.31 -33.31 -7.29
N SER B 12 -31.98 -33.32 -7.25
CA SER B 12 -31.21 -34.54 -7.09
C SER B 12 -29.75 -34.16 -6.87
N ALA B 13 -28.91 -35.17 -6.64
CA ALA B 13 -27.46 -35.00 -6.44
C ALA B 13 -26.69 -35.95 -7.34
N PRO B 14 -26.57 -35.63 -8.62
CA PRO B 14 -25.97 -36.58 -9.56
C PRO B 14 -24.45 -36.66 -9.50
N ILE B 15 -23.76 -35.71 -8.88
CA ILE B 15 -22.32 -35.80 -8.78
C ILE B 15 -21.90 -35.61 -7.33
N GLU B 16 -20.89 -36.35 -6.94
CA GLU B 16 -20.34 -36.32 -5.60
C GLU B 16 -19.82 -34.92 -5.32
N VAL B 17 -20.23 -34.36 -4.19
CA VAL B 17 -20.02 -32.95 -3.91
C VAL B 17 -20.02 -32.78 -2.41
N THR B 18 -19.12 -31.93 -1.92
CA THR B 18 -19.23 -31.38 -0.58
C THR B 18 -20.11 -30.13 -0.61
N ILE B 19 -21.23 -30.19 0.14
CA ILE B 19 -22.20 -29.12 0.18
C ILE B 19 -22.02 -28.35 1.48
N GLY B 20 -21.95 -27.03 1.36
CA GLY B 20 -21.84 -26.15 2.51
C GLY B 20 -23.13 -25.37 2.70
N ILE B 21 -23.54 -25.19 3.94
CA ILE B 21 -24.62 -24.26 4.22
C ILE B 21 -24.11 -23.40 5.35
N ASP B 22 -23.93 -22.12 5.08
CA ASP B 22 -23.27 -21.22 6.05
C ASP B 22 -22.02 -21.93 6.52
N GLN B 23 -21.78 -22.04 7.80
CA GLN B 23 -20.52 -22.54 8.32
C GLN B 23 -20.53 -24.05 8.48
N TYR B 24 -21.58 -24.73 7.99
CA TYR B 24 -21.68 -26.18 8.08
C TYR B 24 -21.44 -26.79 6.72
N SER B 25 -21.09 -28.08 6.70
CA SER B 25 -20.80 -28.75 5.43
C SER B 25 -20.91 -30.25 5.57
N PHE B 26 -21.28 -30.90 4.47
CA PHE B 26 -21.49 -32.34 4.49
C PHE B 26 -21.23 -32.88 3.11
N ASN B 27 -20.87 -34.16 3.06
CA ASN B 27 -20.49 -34.84 1.83
C ASN B 27 -21.70 -35.57 1.27
N VAL B 28 -21.95 -35.43 -0.02
CA VAL B 28 -23.00 -36.17 -0.71
C VAL B 28 -22.35 -37.02 -1.80
N LYS B 29 -22.68 -38.31 -1.81
CA LYS B 29 -22.08 -39.21 -2.78
C LYS B 29 -22.87 -39.24 -4.08
N GLU B 30 -22.15 -39.47 -5.18
CA GLU B 30 -22.76 -39.50 -6.51
C GLU B 30 -24.04 -40.31 -6.51
N ASN B 31 -25.15 -39.66 -6.88
CA ASN B 31 -26.49 -40.25 -6.97
C ASN B 31 -27.05 -40.68 -5.61
N GLN B 32 -26.52 -40.17 -4.51
CA GLN B 32 -27.13 -40.41 -3.21
C GLN B 32 -28.50 -39.72 -3.17
N PRO B 33 -29.45 -40.25 -2.39
CA PRO B 33 -30.83 -39.70 -2.38
C PRO B 33 -30.98 -38.44 -1.53
N PHE B 34 -30.26 -37.39 -1.92
CA PHE B 34 -30.24 -36.16 -1.15
C PHE B 34 -31.17 -35.15 -1.79
N HIS B 35 -32.12 -34.63 -1.01
CA HIS B 35 -33.11 -33.70 -1.58
C HIS B 35 -33.20 -32.38 -0.84
N GLY B 36 -32.14 -31.99 -0.14
CA GLY B 36 -32.03 -30.60 0.23
C GLY B 36 -31.79 -30.39 1.69
N ILE B 37 -32.03 -29.15 2.11
CA ILE B 37 -31.69 -28.68 3.44
C ILE B 37 -32.92 -28.03 4.03
N LYS B 38 -33.33 -28.46 5.23
CA LYS B 38 -34.52 -27.95 5.88
C LYS B 38 -34.12 -27.17 7.13
N ASP B 39 -35.13 -26.55 7.78
CA ASP B 39 -34.97 -25.86 9.08
C ASP B 39 -33.95 -24.72 9.01
N ILE B 40 -33.90 -24.02 7.87
CA ILE B 40 -32.95 -22.91 7.72
C ILE B 40 -33.49 -21.68 8.43
N PRO B 41 -32.75 -21.09 9.36
CA PRO B 41 -33.29 -19.97 10.14
C PRO B 41 -33.67 -18.80 9.26
N ILE B 42 -34.92 -18.38 9.41
CA ILE B 42 -35.37 -17.15 8.80
C ILE B 42 -34.75 -15.96 9.54
N GLY B 43 -34.46 -14.91 8.79
CA GLY B 43 -34.05 -13.66 9.38
C GLY B 43 -32.62 -13.29 9.09
N HIS B 44 -31.87 -14.19 8.44
CA HIS B 44 -30.47 -13.99 8.13
C HIS B 44 -30.30 -14.24 6.65
N VAL B 45 -29.23 -13.70 6.08
N VAL B 45 -29.28 -13.63 6.05
CA VAL B 45 -28.78 -14.11 4.76
CA VAL B 45 -28.82 -14.15 4.77
C VAL B 45 -27.92 -15.37 4.90
C VAL B 45 -28.20 -15.52 5.00
N HIS B 46 -28.02 -16.27 3.93
CA HIS B 46 -27.38 -17.55 4.01
C HIS B 46 -26.56 -17.76 2.73
N VAL B 47 -25.64 -18.71 2.79
CA VAL B 47 -24.88 -19.07 1.60
C VAL B 47 -24.88 -20.58 1.52
N ILE B 48 -25.17 -21.10 0.33
N ILE B 48 -25.23 -21.10 0.34
CA ILE B 48 -25.07 -22.53 0.04
CA ILE B 48 -25.06 -22.53 0.05
C ILE B 48 -23.99 -22.71 -1.02
C ILE B 48 -23.93 -22.64 -0.97
N HIS B 49 -23.02 -23.58 -0.71
CA HIS B 49 -21.80 -23.62 -1.49
C HIS B 49 -21.40 -25.05 -1.78
N PHE B 50 -20.54 -25.19 -2.80
CA PHE B 50 -20.28 -26.49 -3.41
C PHE B 50 -18.81 -26.61 -3.74
N GLN B 51 -18.27 -27.80 -3.53
CA GLN B 51 -16.95 -28.16 -4.04
C GLN B 51 -17.05 -29.59 -4.56
N HIS B 52 -16.93 -29.74 -5.87
CA HIS B 52 -17.07 -31.04 -6.50
C HIS B 52 -15.99 -32.00 -6.03
N ALA B 53 -16.38 -33.25 -5.80
CA ALA B 53 -15.42 -34.22 -5.29
C ALA B 53 -14.32 -34.44 -6.31
N ASP B 54 -14.66 -34.35 -7.58
CA ASP B 54 -13.76 -34.71 -8.67
C ASP B 54 -12.91 -33.55 -9.14
N ASN B 55 -13.26 -32.32 -8.79
CA ASN B 55 -12.46 -31.17 -9.19
C ASN B 55 -12.71 -30.09 -8.13
N SER B 56 -11.87 -30.12 -7.10
CA SER B 56 -11.94 -29.12 -6.06
C SER B 56 -11.57 -27.75 -6.59
N SER B 57 -11.16 -27.67 -7.85
CA SER B 57 -11.11 -26.38 -8.53
C SER B 57 -12.53 -25.80 -8.57
N MET B 58 -12.62 -24.50 -8.35
N MET B 58 -12.60 -24.51 -8.29
CA MET B 58 -13.91 -23.84 -8.28
CA MET B 58 -13.84 -23.75 -8.24
C MET B 58 -14.76 -24.34 -7.09
C MET B 58 -14.78 -24.23 -7.14
N ARG B 59 -14.57 -23.70 -5.93
CA ARG B 59 -15.65 -23.59 -4.97
C ARG B 59 -16.59 -22.54 -5.53
N TYR B 60 -17.90 -22.76 -5.42
CA TYR B 60 -18.87 -21.78 -5.87
C TYR B 60 -20.12 -21.90 -5.01
N GLY B 61 -21.00 -20.93 -5.14
CA GLY B 61 -22.11 -20.88 -4.20
C GLY B 61 -23.04 -19.71 -4.45
N TYR B 62 -24.09 -19.67 -3.64
CA TYR B 62 -25.22 -18.75 -3.80
C TYR B 62 -25.55 -18.14 -2.46
N TRP B 63 -25.53 -16.79 -2.41
CA TRP B 63 -26.10 -16.01 -1.32
C TRP B 63 -27.59 -15.82 -1.57
N PHE B 64 -28.38 -16.03 -0.55
CA PHE B 64 -29.83 -15.91 -0.69
C PHE B 64 -30.45 -15.55 0.67
N ASP B 65 -31.69 -15.07 0.59
CA ASP B 65 -32.52 -14.78 1.76
C ASP B 65 -33.85 -15.44 1.50
N CYS B 66 -34.19 -16.46 2.33
CA CYS B 66 -35.45 -17.19 2.18
C CYS B 66 -36.68 -16.30 2.25
N ARG B 67 -36.57 -15.13 2.84
CA ARG B 67 -37.73 -14.24 2.85
C ARG B 67 -38.05 -13.69 1.47
N MET B 68 -37.09 -13.74 0.54
N MET B 68 -37.10 -13.77 0.54
CA MET B 68 -37.26 -13.10 -0.76
CA MET B 68 -37.23 -13.12 -0.75
C MET B 68 -37.78 -14.05 -1.84
C MET B 68 -37.76 -14.05 -1.83
N GLY B 69 -38.11 -15.28 -1.50
CA GLY B 69 -38.64 -16.21 -2.49
C GLY B 69 -38.33 -17.63 -2.11
N ASN B 70 -38.88 -18.56 -2.93
CA ASN B 70 -38.68 -20.00 -2.76
C ASN B 70 -37.58 -20.47 -3.72
N PHE B 71 -36.47 -20.93 -3.17
CA PHE B 71 -35.31 -21.28 -3.97
C PHE B 71 -35.03 -22.78 -3.85
N TYR B 72 -34.59 -23.35 -4.94
CA TYR B 72 -34.18 -24.75 -4.99
C TYR B 72 -32.88 -24.85 -5.76
N ILE B 73 -32.25 -26.02 -5.67
CA ILE B 73 -31.00 -26.34 -6.36
C ILE B 73 -31.25 -27.49 -7.34
N GLN B 74 -30.71 -27.36 -8.53
CA GLN B 74 -30.87 -28.42 -9.51
C GLN B 74 -29.58 -28.50 -10.30
N TYR B 75 -29.03 -29.70 -10.41
CA TYR B 75 -27.81 -29.87 -11.16
C TYR B 75 -28.07 -29.67 -12.65
N ASP B 76 -27.16 -28.98 -13.29
CA ASP B 76 -27.21 -28.74 -14.72
C ASP B 76 -26.08 -29.51 -15.39
N PRO B 77 -26.38 -30.58 -16.11
CA PRO B 77 -25.31 -31.41 -16.67
C PRO B 77 -24.62 -30.79 -17.85
N LYS B 78 -25.13 -29.67 -18.38
CA LYS B 78 -24.48 -29.00 -19.51
C LYS B 78 -23.41 -28.06 -18.98
N ASP B 79 -23.80 -27.19 -18.03
CA ASP B 79 -22.87 -26.28 -17.40
C ASP B 79 -22.07 -26.93 -16.28
N GLY B 80 -22.48 -28.10 -15.82
CA GLY B 80 -21.66 -28.84 -14.88
C GLY B 80 -21.67 -28.26 -13.49
N LEU B 81 -22.78 -27.71 -13.06
CA LEU B 81 -22.75 -27.26 -11.69
C LEU B 81 -24.14 -27.25 -11.13
N TYR B 82 -24.18 -27.23 -9.80
CA TYR B 82 -25.42 -27.09 -9.05
C TYR B 82 -25.89 -25.66 -9.15
N LYS B 83 -27.08 -25.46 -9.68
CA LYS B 83 -27.60 -24.12 -9.94
C LYS B 83 -28.74 -23.79 -8.99
N MET B 84 -28.75 -22.56 -8.45
CA MET B 84 -29.91 -22.13 -7.72
C MET B 84 -30.96 -21.60 -8.68
N MET B 85 -32.22 -21.84 -8.31
CA MET B 85 -33.35 -21.40 -9.11
C MET B 85 -34.45 -20.94 -8.18
N GLU B 86 -35.33 -20.10 -8.72
CA GLU B 86 -36.52 -19.68 -8.01
C GLU B 86 -37.73 -20.39 -8.59
N GLU B 87 -38.60 -20.88 -7.71
CA GLU B 87 -39.87 -21.46 -8.12
C GLU B 87 -40.92 -20.40 -7.83
N ARG B 88 -41.58 -19.90 -8.88
CA ARG B 88 -42.62 -18.90 -8.70
C ARG B 88 -43.95 -19.54 -8.27
N ASP B 89 -44.20 -20.79 -8.66
CA ASP B 89 -45.46 -21.47 -8.32
C ASP B 89 -45.39 -21.94 -6.87
N GLY B 90 -46.01 -21.17 -5.98
CA GLY B 90 -45.86 -21.43 -4.55
C GLY B 90 -46.46 -22.75 -4.12
N ALA B 91 -47.57 -23.15 -4.73
CA ALA B 91 -48.20 -24.41 -4.37
C ALA B 91 -47.39 -25.59 -4.87
N LYS B 92 -46.76 -25.44 -6.02
CA LYS B 92 -45.86 -26.48 -6.49
C LYS B 92 -44.70 -26.68 -5.51
N PHE B 93 -44.16 -25.59 -4.99
CA PHE B 93 -43.00 -25.65 -4.09
C PHE B 93 -43.36 -26.30 -2.77
N GLU B 94 -44.47 -25.89 -2.16
CA GLU B 94 -44.89 -26.48 -0.90
C GLU B 94 -45.10 -27.98 -1.05
N ASN B 95 -45.76 -28.39 -2.13
CA ASN B 95 -46.00 -29.80 -2.37
C ASN B 95 -44.70 -30.57 -2.54
N ILE B 96 -43.73 -29.99 -3.25
CA ILE B 96 -42.43 -30.64 -3.41
C ILE B 96 -41.73 -30.76 -2.06
N VAL B 97 -41.69 -29.68 -1.29
CA VAL B 97 -40.96 -29.72 -0.04
C VAL B 97 -41.59 -30.75 0.90
N HIS B 98 -42.92 -30.73 0.99
CA HIS B 98 -43.60 -31.63 1.92
C HIS B 98 -43.31 -33.09 1.60
N ASN B 99 -43.35 -33.48 0.32
CA ASN B 99 -42.98 -34.85 -0.04
C ASN B 99 -41.57 -35.19 0.45
N PHE B 100 -40.59 -34.31 0.22
CA PHE B 100 -39.22 -34.66 0.60
C PHE B 100 -39.04 -34.73 2.12
N LYS B 101 -39.74 -33.89 2.88
CA LYS B 101 -39.66 -34.00 4.33
C LYS B 101 -40.29 -35.30 4.84
N GLU B 102 -41.50 -35.60 4.37
CA GLU B 102 -42.16 -36.84 4.79
C GLU B 102 -41.23 -38.04 4.58
N ARG B 103 -40.55 -38.08 3.44
CA ARG B 103 -39.61 -39.17 3.16
C ARG B 103 -38.23 -38.95 3.77
N GLN B 104 -38.03 -37.87 4.53
CA GLN B 104 -36.80 -37.59 5.30
C GLN B 104 -35.54 -37.65 4.43
N MET B 105 -35.62 -37.06 3.24
CA MET B 105 -34.47 -37.02 2.36
C MET B 105 -33.70 -35.71 2.48
N MET B 106 -33.82 -34.99 3.62
CA MET B 106 -33.19 -33.69 3.76
C MET B 106 -32.36 -33.61 5.03
N VAL B 107 -31.24 -32.91 4.95
CA VAL B 107 -30.46 -32.60 6.14
C VAL B 107 -31.07 -31.39 6.82
N SER B 108 -30.95 -31.34 8.14
CA SER B 108 -31.47 -30.24 8.93
C SER B 108 -30.34 -29.24 9.20
N TYR B 109 -30.61 -27.96 8.91
CA TYR B 109 -29.64 -26.93 9.28
C TYR B 109 -29.35 -27.08 10.78
N PRO B 110 -28.14 -27.34 11.16
CA PRO B 110 -27.89 -27.94 12.45
C PRO B 110 -27.51 -26.90 13.44
N LYS B 111 -28.40 -25.97 13.72
CA LYS B 111 -28.08 -24.87 14.62
C LYS B 111 -28.22 -25.33 16.06
N ILE B 112 -27.12 -25.24 16.81
CA ILE B 112 -27.13 -25.28 18.27
C ILE B 112 -27.73 -23.99 18.81
N ASP B 113 -28.53 -24.11 19.87
CA ASP B 113 -29.35 -22.98 20.32
C ASP B 113 -28.60 -21.98 21.19
N GLU B 114 -27.42 -22.36 21.72
CA GLU B 114 -26.53 -21.38 22.34
C GLU B 114 -25.84 -20.51 21.30
N ASP B 115 -25.79 -20.96 20.05
CA ASP B 115 -24.79 -20.52 19.11
C ASP B 115 -25.26 -19.32 18.31
N ASP B 116 -24.57 -18.19 18.46
CA ASP B 116 -24.84 -17.00 17.67
C ASP B 116 -23.79 -16.76 16.60
N THR B 117 -22.97 -17.77 16.26
CA THR B 117 -21.91 -17.56 15.28
C THR B 117 -22.42 -16.94 13.99
N TRP B 118 -23.46 -17.53 13.41
CA TRP B 118 -23.84 -17.06 12.08
C TRP B 118 -24.35 -15.62 12.14
N TYR B 119 -25.23 -15.34 13.08
CA TYR B 119 -25.68 -13.98 13.30
C TYR B 119 -24.49 -13.03 13.47
N ASN B 120 -23.50 -13.42 14.29
CA ASN B 120 -22.37 -12.52 14.55
C ASN B 120 -21.50 -12.31 13.29
N LEU B 121 -21.50 -13.26 12.35
CA LEU B 121 -20.75 -13.08 11.11
C LEU B 121 -21.50 -12.31 10.04
N THR B 122 -22.82 -12.23 10.12
CA THR B 122 -23.63 -11.65 9.07
C THR B 122 -24.47 -10.49 9.58
N GLU B 123 -24.31 -9.96 10.79
CA GLU B 123 -25.21 -8.92 11.36
C GLU B 123 -25.54 -7.76 10.39
N PHE B 124 -24.58 -7.32 9.60
CA PHE B 124 -24.75 -6.17 8.68
C PHE B 124 -24.84 -6.56 7.21
N VAL B 125 -24.94 -7.85 6.88
CA VAL B 125 -24.93 -8.27 5.44
C VAL B 125 -26.36 -8.10 4.90
N GLN B 126 -26.60 -7.10 4.07
N GLN B 126 -26.60 -7.10 4.05
CA GLN B 126 -27.95 -6.86 3.51
CA GLN B 126 -27.94 -6.84 3.50
C GLN B 126 -28.09 -7.64 2.20
C GLN B 126 -28.10 -7.61 2.18
N MET B 127 -29.29 -8.39 2.08
CA MET B 127 -29.30 -9.15 0.73
C MET B 127 -29.48 -8.21 -0.48
N ASP B 128 -30.26 -7.13 -0.39
CA ASP B 128 -30.40 -6.20 -1.55
C ASP B 128 -29.03 -5.56 -1.85
N LYS B 129 -28.21 -5.31 -0.83
CA LYS B 129 -26.84 -4.72 -1.00
C LYS B 129 -25.94 -5.71 -1.74
N ILE B 130 -26.09 -7.01 -1.45
CA ILE B 130 -25.24 -8.09 -2.03
C ILE B 130 -25.42 -8.11 -3.55
N ARG B 131 -26.65 -7.84 -4.01
CA ARG B 131 -27.08 -7.77 -5.43
C ARG B 131 -26.35 -6.59 -6.13
N LYS B 132 -25.97 -5.59 -5.34
CA LYS B 132 -25.17 -4.42 -5.73
C LYS B 132 -23.72 -4.86 -5.98
N ILE B 133 -23.14 -5.72 -5.12
CA ILE B 133 -21.75 -6.22 -5.29
C ILE B 133 -21.67 -7.28 -6.39
N VAL B 134 -22.64 -8.18 -6.46
CA VAL B 134 -22.67 -9.28 -7.45
C VAL B 134 -23.82 -8.91 -8.38
N ARG B 135 -23.56 -8.31 -9.53
CA ARG B 135 -24.57 -7.78 -10.44
C ARG B 135 -25.12 -8.90 -11.32
N LYS B 136 -26.39 -9.23 -11.12
CA LYS B 136 -27.12 -10.20 -11.92
C LYS B 136 -28.61 -10.05 -11.57
N ASP B 137 -29.20 -8.97 -12.05
CA ASP B 137 -30.42 -8.46 -11.46
C ASP B 137 -31.64 -9.33 -11.71
N GLU B 138 -31.58 -10.28 -12.65
CA GLU B 138 -32.75 -11.13 -12.89
C GLU B 138 -32.95 -12.20 -11.82
N ASN B 139 -31.97 -12.43 -10.95
CA ASN B 139 -32.11 -13.38 -9.86
C ASN B 139 -32.07 -12.64 -8.51
N GLN B 140 -32.80 -13.19 -7.52
CA GLN B 140 -32.83 -12.66 -6.16
C GLN B 140 -31.74 -13.23 -5.29
N PHE B 141 -31.00 -14.18 -5.80
CA PHE B 141 -29.88 -14.79 -5.12
C PHE B 141 -28.63 -14.40 -5.89
N SER B 142 -27.46 -14.56 -5.26
CA SER B 142 -26.22 -14.12 -5.91
C SER B 142 -25.16 -15.22 -5.94
N TYR B 143 -24.65 -15.49 -7.14
CA TYR B 143 -23.59 -16.46 -7.35
C TYR B 143 -22.22 -15.85 -7.10
N VAL B 144 -21.38 -16.55 -6.35
CA VAL B 144 -19.97 -16.19 -6.18
C VAL B 144 -19.12 -17.45 -6.36
N ASP B 145 -17.90 -17.29 -6.86
CA ASP B 145 -16.97 -18.41 -6.86
C ASP B 145 -15.53 -17.95 -6.59
N SER B 146 -14.64 -18.94 -6.56
CA SER B 146 -13.24 -18.72 -6.17
C SER B 146 -12.53 -17.75 -7.09
N SER B 147 -12.90 -17.72 -8.37
CA SER B 147 -12.06 -17.08 -9.36
C SER B 147 -12.54 -15.67 -9.71
N MET B 148 -13.75 -15.31 -9.29
CA MET B 148 -14.26 -13.98 -9.61
C MET B 148 -13.30 -12.90 -9.11
N THR B 149 -13.06 -11.91 -9.96
CA THR B 149 -12.19 -10.79 -9.63
C THR B 149 -13.04 -9.60 -9.23
N THR B 150 -12.40 -8.65 -8.56
CA THR B 150 -13.08 -7.45 -8.09
C THR B 150 -12.83 -6.32 -9.07
N VAL B 151 -13.74 -5.33 -9.05
CA VAL B 151 -13.60 -4.18 -9.93
C VAL B 151 -12.19 -3.60 -9.83
N GLN B 152 -11.65 -3.50 -8.61
CA GLN B 152 -10.31 -2.96 -8.46
C GLN B 152 -9.26 -3.86 -9.10
N GLU B 153 -9.41 -5.18 -8.93
CA GLU B 153 -8.46 -6.10 -9.54
C GLU B 153 -8.43 -5.93 -11.06
N ASN B 154 -9.58 -5.64 -11.67
CA ASN B 154 -9.68 -5.45 -13.11
C ASN B 154 -9.13 -4.12 -13.58
N GLU B 155 -8.96 -3.15 -12.68
CA GLU B 155 -8.26 -1.93 -13.04
C GLU B 155 -6.76 -2.15 -13.14
N LEU B 156 -6.21 -3.04 -12.34
CA LEU B 156 -4.76 -3.21 -12.25
C LEU B 156 -4.27 -4.48 -12.96
N SER B 161 -11.42 -10.24 -16.40
CA SER B 161 -11.49 -8.97 -17.10
C SER B 161 -12.91 -8.71 -17.60
N ASP B 162 -13.79 -9.69 -17.39
CA ASP B 162 -15.19 -9.56 -17.78
C ASP B 162 -15.96 -8.78 -16.73
N PRO B 163 -16.47 -7.58 -17.03
CA PRO B 163 -17.12 -6.78 -15.97
C PRO B 163 -18.45 -7.36 -15.47
N ALA B 164 -19.13 -8.20 -16.25
CA ALA B 164 -20.42 -8.74 -15.82
C ALA B 164 -20.26 -9.66 -14.61
N HIS B 165 -19.12 -10.32 -14.51
CA HIS B 165 -18.86 -11.38 -13.54
C HIS B 165 -17.96 -10.90 -12.41
N SER B 166 -17.88 -9.61 -12.17
CA SER B 166 -16.93 -9.07 -11.17
C SER B 166 -17.57 -8.83 -9.80
N LEU B 167 -16.78 -8.71 -8.76
CA LEU B 167 -17.26 -8.34 -7.42
C LEU B 167 -17.10 -6.83 -7.35
N ASN B 168 -18.22 -6.10 -7.26
N ASN B 168 -18.23 -6.11 -7.26
CA ASN B 168 -18.18 -4.61 -7.25
CA ASN B 168 -18.19 -4.62 -7.24
C ASN B 168 -18.00 -4.11 -5.81
C ASN B 168 -18.00 -4.11 -5.81
N TYR B 169 -16.89 -4.50 -5.17
CA TYR B 169 -16.61 -3.95 -3.80
C TYR B 169 -16.25 -2.48 -3.94
N THR B 170 -16.34 -1.72 -2.86
CA THR B 170 -15.93 -0.29 -2.84
C THR B 170 -14.42 -0.24 -3.03
N VAL B 171 -13.93 0.60 -3.92
CA VAL B 171 -12.48 0.70 -4.21
C VAL B 171 -11.84 1.49 -3.06
N ILE B 172 -10.92 0.90 -2.31
CA ILE B 172 -10.14 1.59 -1.30
C ILE B 172 -8.70 1.57 -1.76
N ASN B 173 -8.07 2.74 -1.82
CA ASN B 173 -6.69 2.83 -2.31
C ASN B 173 -6.04 3.96 -1.53
N PHE B 174 -5.08 3.65 -0.67
CA PHE B 174 -4.58 4.67 0.24
C PHE B 174 -3.70 5.70 -0.46
N LYS B 175 -3.21 5.39 -1.66
CA LYS B 175 -2.42 6.35 -2.46
C LYS B 175 -3.24 6.72 -3.69
N SER B 176 -4.37 7.38 -3.44
CA SER B 176 -5.25 7.83 -4.48
C SER B 176 -5.68 9.23 -4.15
N ARG B 177 -6.05 10.01 -5.17
CA ARG B 177 -6.50 11.36 -4.89
C ARG B 177 -7.72 11.32 -3.98
N GLU B 178 -8.53 10.28 -4.10
CA GLU B 178 -9.70 10.19 -3.21
C GLU B 178 -9.28 10.11 -1.76
N ALA B 179 -8.18 9.43 -1.46
CA ALA B 179 -7.75 9.22 -0.08
C ALA B 179 -6.99 10.42 0.47
N ILE B 180 -6.54 11.32 -0.39
CA ILE B 180 -5.55 12.33 -0.01
C ILE B 180 -6.04 13.70 -0.48
N ARG B 181 -6.22 14.62 0.48
CA ARG B 181 -6.61 16.00 0.20
C ARG B 181 -5.40 16.81 -0.21
N PRO B 182 -5.47 17.57 -1.29
CA PRO B 182 -4.38 18.48 -1.63
C PRO B 182 -4.05 19.38 -0.45
N GLY B 183 -2.77 19.45 -0.10
CA GLY B 183 -2.34 20.23 1.04
C GLY B 183 -2.32 19.53 2.37
N HIS B 184 -2.87 18.32 2.47
CA HIS B 184 -2.78 17.51 3.69
C HIS B 184 -2.09 16.17 3.40
N GLU B 185 -1.23 16.13 2.38
CA GLU B 185 -0.63 14.89 1.94
C GLU B 185 -0.07 14.07 3.11
N MET B 186 0.77 14.67 3.93
CA MET B 186 1.29 13.92 5.06
C MET B 186 0.20 13.59 6.07
N GLU B 187 -0.62 14.58 6.41
CA GLU B 187 -1.63 14.36 7.44
C GLU B 187 -2.55 13.21 7.03
N ASP B 188 -3.04 13.24 5.81
CA ASP B 188 -4.06 12.27 5.38
C ASP B 188 -3.47 10.89 5.11
N PHE B 189 -2.18 10.80 4.81
CA PHE B 189 -1.58 9.50 4.55
C PHE B 189 -1.21 8.81 5.84
N LEU B 190 -0.81 9.57 6.86
CA LEU B 190 -0.44 8.95 8.12
C LEU B 190 -1.63 8.77 9.06
N ASP B 191 -2.70 9.54 8.88
CA ASP B 191 -3.93 9.43 9.66
C ASP B 191 -5.10 9.41 8.68
N LYS B 192 -5.70 8.25 8.47
CA LYS B 192 -6.67 8.14 7.39
C LYS B 192 -8.07 8.54 7.82
N SER B 193 -8.20 9.36 8.86
CA SER B 193 -9.53 9.64 9.40
C SER B 193 -10.42 10.33 8.38
N TYR B 194 -9.86 11.22 7.55
N TYR B 194 -9.84 11.25 7.59
N TYR B 194 -9.86 11.24 7.59
CA TYR B 194 -10.72 11.92 6.60
CA TYR B 194 -10.60 11.93 6.55
CA TYR B 194 -10.68 11.93 6.59
C TYR B 194 -11.22 10.96 5.53
C TYR B 194 -11.21 10.94 5.59
C TYR B 194 -11.22 10.94 5.57
N TYR B 195 -10.36 10.02 5.09
CA TYR B 195 -10.79 9.03 4.13
C TYR B 195 -11.86 8.11 4.73
N LEU B 196 -11.66 7.62 5.93
CA LEU B 196 -12.66 6.78 6.59
C LEU B 196 -13.97 7.53 6.80
N ASN B 197 -13.91 8.66 7.53
CA ASN B 197 -15.11 9.30 8.05
C ASN B 197 -15.81 10.16 6.99
N THR B 198 -15.07 10.97 6.24
CA THR B 198 -15.72 11.87 5.30
C THR B 198 -15.95 11.21 3.94
N VAL B 199 -14.90 10.61 3.36
CA VAL B 199 -15.04 10.02 2.03
C VAL B 199 -15.91 8.77 2.11
N MET B 200 -15.54 7.82 2.97
CA MET B 200 -16.20 6.52 2.92
C MET B 200 -17.48 6.47 3.75
N LEU B 201 -17.43 6.81 5.03
CA LEU B 201 -18.61 6.63 5.90
C LEU B 201 -19.69 7.66 5.59
N GLN B 202 -19.29 8.90 5.32
N GLN B 202 -19.29 8.90 5.32
CA GLN B 202 -20.28 9.98 5.06
CA GLN B 202 -20.28 9.98 5.06
C GLN B 202 -20.60 10.05 3.57
C GLN B 202 -20.60 10.05 3.57
N GLY B 203 -19.65 9.60 2.72
CA GLY B 203 -19.88 9.76 1.26
C GLY B 203 -20.42 8.53 0.53
N ILE B 204 -19.83 7.35 0.69
CA ILE B 204 -20.18 6.15 -0.12
C ILE B 204 -21.13 5.21 0.62
N PHE B 205 -20.73 4.72 1.79
CA PHE B 205 -21.52 3.79 2.61
C PHE B 205 -22.82 4.40 3.14
N LYS B 206 -22.76 5.65 3.66
CA LYS B 206 -23.80 6.48 4.38
C LYS B 206 -23.72 6.26 5.91
N ASN B 207 -23.31 5.08 6.38
CA ASN B 207 -23.34 4.79 7.82
C ASN B 207 -22.41 3.62 8.09
N SER B 208 -22.06 3.39 9.36
CA SER B 208 -21.13 2.32 9.67
C SER B 208 -21.70 0.95 9.39
N SER B 209 -22.99 0.74 9.64
CA SER B 209 -23.66 -0.57 9.44
C SER B 209 -23.40 -1.05 8.03
N ASN B 210 -23.50 -0.13 7.08
CA ASN B 210 -23.26 -0.40 5.66
C ASN B 210 -21.77 -0.73 5.53
N TYR B 211 -20.89 0.00 6.20
CA TYR B 211 -19.43 -0.25 6.13
C TYR B 211 -19.12 -1.67 6.62
N PHE B 212 -19.73 -2.05 7.74
CA PHE B 212 -19.54 -3.39 8.36
C PHE B 212 -20.09 -4.46 7.41
N GLY B 213 -21.18 -4.15 6.71
CA GLY B 213 -21.86 -5.09 5.80
C GLY B 213 -20.95 -5.59 4.71
N GLU B 214 -20.25 -4.68 4.05
CA GLU B 214 -19.31 -5.04 2.97
C GLU B 214 -18.14 -5.81 3.57
N LEU B 215 -17.65 -5.33 4.70
CA LEU B 215 -16.48 -5.90 5.38
C LEU B 215 -16.74 -7.36 5.76
N GLN B 216 -17.91 -7.65 6.33
CA GLN B 216 -18.33 -9.00 6.77
C GLN B 216 -18.49 -9.90 5.55
N PHE B 217 -19.10 -9.33 4.52
CA PHE B 217 -19.39 -10.00 3.24
C PHE B 217 -18.06 -10.33 2.54
N ALA B 218 -17.08 -9.43 2.61
CA ALA B 218 -15.76 -9.66 1.97
C ALA B 218 -15.09 -10.84 2.65
N PHE B 219 -15.15 -10.89 3.99
CA PHE B 219 -14.55 -12.02 4.72
C PHE B 219 -15.19 -13.35 4.33
N LEU B 220 -16.51 -13.38 4.26
CA LEU B 220 -17.16 -14.67 4.08
C LEU B 220 -16.85 -15.25 2.70
N ASN B 221 -16.70 -14.38 1.69
CA ASN B 221 -16.36 -14.81 0.36
CA ASN B 221 -16.34 -14.81 0.35
C ASN B 221 -14.91 -15.31 0.32
N ALA B 222 -14.04 -14.64 1.08
CA ALA B 222 -12.67 -15.11 1.23
C ALA B 222 -12.62 -16.49 1.91
N MET B 223 -13.35 -16.65 3.01
CA MET B 223 -13.29 -17.92 3.73
C MET B 223 -14.00 -19.04 2.98
N PHE B 224 -15.20 -18.79 2.45
CA PHE B 224 -15.92 -19.91 1.87
C PHE B 224 -15.49 -20.25 0.47
N PHE B 225 -15.00 -19.28 -0.31
CA PHE B 225 -14.62 -19.56 -1.68
C PHE B 225 -13.12 -19.41 -1.91
N GLY B 226 -12.35 -19.01 -0.90
CA GLY B 226 -10.95 -18.68 -1.10
C GLY B 226 -10.76 -17.61 -2.15
N ASN B 227 -11.71 -16.69 -2.23
CA ASN B 227 -11.68 -15.62 -3.21
C ASN B 227 -10.63 -14.62 -2.79
N TYR B 228 -9.57 -14.51 -3.58
CA TYR B 228 -8.44 -13.71 -3.14
C TYR B 228 -8.76 -12.22 -3.09
N GLY B 229 -9.49 -11.71 -4.08
CA GLY B 229 -9.86 -10.29 -4.05
C GLY B 229 -10.77 -9.88 -2.91
N SER B 230 -11.63 -10.80 -2.48
CA SER B 230 -12.40 -10.55 -1.26
C SER B 230 -11.48 -10.42 -0.05
N SER B 231 -10.45 -11.25 0.01
CA SER B 231 -9.58 -11.17 1.16
C SER B 231 -8.85 -9.83 1.18
N LEU B 232 -8.45 -9.34 -0.01
CA LEU B 232 -7.83 -8.02 -0.09
C LEU B 232 -8.78 -6.95 0.40
N GLN B 233 -10.06 -7.06 0.06
CA GLN B 233 -11.04 -6.06 0.44
C GLN B 233 -11.23 -6.07 1.95
N TRP B 234 -11.32 -7.28 2.53
CA TRP B 234 -11.52 -7.41 3.98
C TRP B 234 -10.38 -6.75 4.72
N HIS B 235 -9.16 -7.07 4.30
CA HIS B 235 -7.99 -6.46 4.97
C HIS B 235 -7.91 -4.96 4.77
N ALA B 236 -8.24 -4.46 3.55
CA ALA B 236 -8.25 -3.02 3.32
C ALA B 236 -9.22 -2.31 4.24
N MET B 237 -10.42 -2.86 4.43
CA MET B 237 -11.41 -2.19 5.25
C MET B 237 -11.03 -2.18 6.72
N ILE B 238 -10.36 -3.23 7.17
CA ILE B 238 -9.83 -3.27 8.54
C ILE B 238 -8.74 -2.21 8.68
N GLU B 239 -7.86 -2.19 7.71
CA GLU B 239 -6.69 -1.31 7.82
C GLU B 239 -7.08 0.15 7.77
N LEU B 240 -8.13 0.50 7.00
CA LEU B 240 -8.57 1.90 6.95
C LEU B 240 -9.07 2.38 8.32
N ILE B 241 -9.78 1.52 9.05
CA ILE B 241 -10.19 1.88 10.39
C ILE B 241 -9.00 1.96 11.33
N CYS B 242 -8.16 0.92 11.33
CA CYS B 242 -7.06 0.87 12.30
C CYS B 242 -6.07 2.00 12.07
N SER B 243 -5.94 2.45 10.83
CA SER B 243 -5.03 3.53 10.46
C SER B 243 -5.65 4.91 10.59
N SER B 244 -6.80 5.02 11.26
CA SER B 244 -7.50 6.30 11.42
C SER B 244 -7.45 6.64 12.89
N ALA B 245 -6.94 7.85 13.21
CA ALA B 245 -6.84 8.28 14.60
C ALA B 245 -8.20 8.58 15.21
N THR B 246 -9.18 8.95 14.38
CA THR B 246 -10.49 9.40 14.85
C THR B 246 -11.55 8.47 14.31
N VAL B 247 -12.02 7.59 15.16
CA VAL B 247 -13.04 6.62 14.80
C VAL B 247 -14.09 6.61 15.89
N PRO B 248 -15.38 6.72 15.59
CA PRO B 248 -16.39 6.63 16.65
C PRO B 248 -16.19 5.43 17.56
N LYS B 249 -16.36 5.69 18.86
CA LYS B 249 -16.12 4.67 19.87
C LYS B 249 -16.97 3.44 19.61
N HIS B 250 -18.20 3.66 19.13
CA HIS B 250 -19.10 2.54 18.88
C HIS B 250 -18.63 1.68 17.72
N MET B 251 -17.97 2.30 16.75
CA MET B 251 -17.46 1.52 15.63
C MET B 251 -16.29 0.66 16.05
N LEU B 252 -15.40 1.19 16.89
CA LEU B 252 -14.29 0.36 17.34
C LEU B 252 -14.78 -0.82 18.14
N ASP B 253 -15.72 -0.58 19.04
CA ASP B 253 -16.21 -1.69 19.85
C ASP B 253 -16.84 -2.76 18.96
N LYS B 254 -17.62 -2.34 17.97
CA LYS B 254 -18.27 -3.33 17.12
C LYS B 254 -17.23 -4.02 16.24
N LEU B 255 -16.29 -3.27 15.68
CA LEU B 255 -15.22 -3.88 14.89
C LEU B 255 -14.55 -5.01 15.67
N ASP B 256 -14.23 -4.75 16.96
CA ASP B 256 -13.56 -5.76 17.76
C ASP B 256 -14.41 -7.02 17.82
N GLU B 257 -15.72 -6.87 17.98
CA GLU B 257 -16.60 -8.03 18.04
C GLU B 257 -16.65 -8.74 16.67
N ILE B 258 -16.74 -7.94 15.60
CA ILE B 258 -16.84 -8.53 14.27
C ILE B 258 -15.64 -9.38 13.97
N LEU B 259 -14.44 -8.83 14.19
CA LEU B 259 -13.23 -9.53 13.88
C LEU B 259 -13.03 -10.72 14.79
N TYR B 260 -13.45 -10.59 16.06
CA TYR B 260 -13.32 -11.70 16.98
C TYR B 260 -14.03 -12.93 16.45
N TYR B 261 -15.25 -12.75 15.96
CA TYR B 261 -15.97 -13.92 15.46
C TYR B 261 -15.42 -14.43 14.13
N GLN B 262 -14.82 -13.54 13.32
CA GLN B 262 -14.23 -13.97 12.06
C GLN B 262 -12.99 -14.81 12.32
N ILE B 263 -12.10 -14.30 13.19
CA ILE B 263 -10.93 -15.06 13.59
C ILE B 263 -11.35 -16.36 14.27
N LYS B 264 -12.38 -16.31 15.11
CA LYS B 264 -12.81 -17.53 15.78
C LYS B 264 -13.27 -18.59 14.79
N THR B 265 -13.87 -18.18 13.69
CA THR B 265 -14.51 -19.11 12.78
C THR B 265 -13.55 -19.66 11.74
N LEU B 266 -12.48 -18.93 11.43
CA LEU B 266 -11.55 -19.34 10.39
C LEU B 266 -11.02 -20.74 10.66
N PRO B 267 -10.97 -21.60 9.66
CA PRO B 267 -10.20 -22.84 9.81
C PRO B 267 -8.77 -22.58 10.25
N GLU B 268 -8.35 -23.31 11.28
CA GLU B 268 -7.00 -23.17 11.79
C GLU B 268 -5.99 -23.42 10.67
N GLN B 269 -6.28 -24.40 9.82
CA GLN B 269 -5.37 -24.78 8.76
C GLN B 269 -5.37 -23.83 7.57
N TYR B 270 -6.32 -22.90 7.49
CA TYR B 270 -6.34 -21.94 6.38
C TYR B 270 -5.75 -20.59 6.76
N SER B 271 -5.23 -20.46 7.99
CA SER B 271 -4.78 -19.15 8.44
C SER B 271 -3.62 -18.64 7.59
N ASP B 272 -2.85 -19.56 6.99
CA ASP B 272 -1.63 -19.16 6.30
C ASP B 272 -1.91 -18.33 5.05
N ILE B 273 -3.06 -18.53 4.41
CA ILE B 273 -3.36 -17.88 3.14
C ILE B 273 -4.49 -16.87 3.25
N LEU B 274 -5.27 -16.89 4.33
CA LEU B 274 -6.36 -15.94 4.51
C LEU B 274 -5.96 -14.72 5.34
N LEU B 275 -4.82 -14.73 6.02
CA LEU B 275 -4.50 -13.69 6.98
C LEU B 275 -3.22 -12.99 6.56
N ASN B 276 -3.29 -11.68 6.41
CA ASN B 276 -2.14 -10.88 5.93
C ASN B 276 -1.29 -10.44 7.10
N GLU B 277 -0.09 -11.01 7.21
CA GLU B 277 0.78 -10.76 8.35
C GLU B 277 0.98 -9.26 8.57
N ARG B 278 1.32 -8.54 7.50
CA ARG B 278 1.62 -7.12 7.65
C ARG B 278 0.42 -6.37 8.20
N VAL B 279 -0.76 -6.64 7.66
CA VAL B 279 -1.91 -5.84 8.08
C VAL B 279 -2.22 -6.09 9.54
N TRP B 280 -2.13 -7.34 9.98
CA TRP B 280 -2.58 -7.65 11.33
C TRP B 280 -1.58 -7.14 12.37
N ASN B 281 -0.29 -7.32 12.11
CA ASN B 281 0.71 -6.81 13.04
C ASN B 281 0.59 -5.30 13.15
N ILE B 282 0.48 -4.63 12.00
CA ILE B 282 0.26 -3.19 12.00
C ILE B 282 -0.98 -2.83 12.79
N CYS B 283 -2.10 -3.52 12.51
CA CYS B 283 -3.36 -3.15 13.14
C CYS B 283 -3.31 -3.36 14.64
N LEU B 284 -2.71 -4.47 15.08
CA LEU B 284 -2.77 -4.79 16.49
C LEU B 284 -1.68 -4.12 17.30
N TYR B 285 -0.54 -3.84 16.67
CA TYR B 285 0.66 -3.49 17.42
C TYR B 285 1.25 -2.13 17.08
N SER B 286 0.97 -1.57 15.90
CA SER B 286 1.55 -0.28 15.53
C SER B 286 0.53 0.84 15.29
N SER B 287 -0.74 0.54 15.04
CA SER B 287 -1.68 1.53 14.53
C SER B 287 -2.31 2.36 15.64
N PHE B 288 -3.04 3.40 15.22
CA PHE B 288 -3.76 4.25 16.17
C PHE B 288 -4.64 3.41 17.08
N GLN B 289 -5.22 2.35 16.52
CA GLN B 289 -6.20 1.56 17.27
C GLN B 289 -5.58 0.31 17.89
N LYS B 290 -4.24 0.28 17.99
CA LYS B 290 -3.53 -0.89 18.49
C LYS B 290 -4.01 -1.33 19.87
N ASN B 291 -4.63 -0.45 20.65
CA ASN B 291 -5.09 -0.77 21.98
C ASN B 291 -6.60 -0.91 22.08
N SER B 292 -7.31 -0.83 20.96
CA SER B 292 -8.77 -0.74 20.97
C SER B 292 -9.44 -2.03 20.54
N LEU B 293 -8.69 -3.09 20.24
CA LEU B 293 -9.28 -4.34 19.75
C LEU B 293 -8.90 -5.46 20.74
N HIS B 294 -9.41 -5.36 21.96
CA HIS B 294 -8.93 -6.27 22.99
C HIS B 294 -9.34 -7.68 22.71
N ASN B 295 -10.59 -7.89 22.30
CA ASN B 295 -11.07 -9.24 22.08
C ASN B 295 -10.34 -9.87 20.90
N THR B 296 -10.24 -9.12 19.81
CA THR B 296 -9.56 -9.63 18.62
C THR B 296 -8.09 -9.89 18.91
N GLU B 297 -7.41 -8.98 19.61
CA GLU B 297 -6.00 -9.20 19.90
C GLU B 297 -5.81 -10.45 20.76
N LYS B 298 -6.72 -10.67 21.71
CA LYS B 298 -6.56 -11.82 22.59
C LYS B 298 -6.78 -13.13 21.84
N ILE B 299 -7.77 -13.21 20.95
CA ILE B 299 -7.97 -14.44 20.21
C ILE B 299 -6.87 -14.64 19.16
N MET B 300 -6.36 -13.55 18.56
CA MET B 300 -5.29 -13.72 17.57
C MET B 300 -4.01 -14.24 18.21
N GLU B 301 -3.64 -13.69 19.39
CA GLU B 301 -2.42 -14.10 20.08
C GLU B 301 -2.52 -15.52 20.63
N ASN B 302 -3.72 -15.99 20.97
CA ASN B 302 -3.83 -17.33 21.52
C ASN B 302 -4.00 -18.38 20.45
N LYS B 303 -4.49 -18.00 19.28
CA LYS B 303 -4.80 -18.93 18.20
C LYS B 303 -3.74 -18.93 17.11
N TYR B 304 -3.26 -17.77 16.70
CA TYR B 304 -2.26 -17.66 15.64
C TYR B 304 -1.08 -16.84 16.14
N PRO B 305 -0.42 -17.26 17.22
CA PRO B 305 0.75 -16.52 17.67
C PRO B 305 1.91 -16.58 16.69
N GLU B 306 1.90 -17.56 15.79
CA GLU B 306 2.90 -17.64 14.74
C GLU B 306 2.91 -16.37 13.90
N LEU B 307 1.74 -16.02 13.35
CA LEU B 307 1.64 -14.86 12.46
C LEU B 307 2.20 -13.59 13.09
N LEU B 308 2.36 -13.55 14.40
CA LEU B 308 2.77 -12.33 15.07
C LEU B 308 4.13 -12.49 15.73
C7 VZH C . -23.83 -2.34 2.51
C8 VZH C . -23.17 -6.96 1.60
O1 VZH C . -23.77 -6.00 2.41
C1 VZH C . -22.90 -0.64 1.06
C5 VZH C . -23.53 -4.69 2.19
C6 VZH C . -24.11 -3.66 2.89
C4 VZH C . -22.65 -4.42 1.12
C3 VZH C . -22.39 -3.11 0.75
C2 VZH C . -23.00 -2.08 1.43
O VZH C . -23.51 0.17 1.68
N VZH C . -22.19 -0.21 -0.05
C VZH C . -21.53 -1.04 -1.01
#